data_8C59
#
_entry.id   8C59
#
_cell.length_a   84.511
_cell.length_b   84.511
_cell.length_c   173.115
_cell.angle_alpha   90.00
_cell.angle_beta   90.00
_cell.angle_gamma   90.00
#
_symmetry.space_group_name_H-M   'P 41 21 2'
#
loop_
_entity.id
_entity.type
_entity.pdbx_description
1 polymer 'Cytosine-specific methyltransferase'
2 polymer "DNA (5'-D(*CP*CP*AP*CP*AP*TP*GP*(5CM)P*GP*CP*TP*GP*AP*A)-3')"
3 polymer "DNA (5'-D(*GP*TP*TP*CP*AP*GP*(5CM)P*GP*CP*AP*TP*GP*TP*G)-3')"
4 non-polymer S-ADENOSYLMETHIONINE
5 non-polymer 'SODIUM ION'
6 non-polymer GLYCEROL
7 non-polymer 'CITRIC ACID'
8 non-polymer 'CARBONATE ION'
9 water water
#
loop_
_entity_poly.entity_id
_entity_poly.type
_entity_poly.pdbx_seq_one_letter_code
_entity_poly.pdbx_strand_id
1 'polypeptide(L)'
;MNSNKDKIKVIKVFEAFAGIGSQFKALKNIARSKNWEIQHSGMVEWFVDAIVSYVAIHSKNFNPKIERLDRDILSISNDS
KMPISEYGIKKINNTIKASYLNYAKKHFNNLFDIKKVNKDNFPKNIDIFTYSFPCQDLSVQGLQKGIDKELNTRSGLLWE
IERILEEIKNSFSKEEMPKYLLMENVKNLLSHKNKKNYNTWLKQLEKFGYKSKTYLLNSKNFDNCQNRERVFCLSIRDDY
LEKTGFKFKELEKVKNPPKKIKDILVDSSNYKYLNLNKYETTTFRETKSNIISRPLKNYTTFNSENYVYNINGIGPTLTA
SGANSRIKIETQQGVRYLTPLECFKYMQFDVNDFKKVQSTNLISENKMIYIAGNSIPVKILEAIFNTLEFVNNEE
;
A
2 'polydeoxyribonucleotide' (DC)(DC)(DA)(DC)(DA)(DT)(DG)(5CM)(DG)(DC)(DT)(DG)(DA)(DA) B
3 'polydeoxyribonucleotide' (DG)(DT)(DT)(DC)(DA)(DG)(5CM)(DG)(DC)(DA)(DT)(DG)(DT)(DG) C
#
# COMPACT_ATOMS: atom_id res chain seq x y z
N LYS A 7 24.94 1.99 18.58
CA LYS A 7 24.60 0.79 17.75
C LYS A 7 23.31 0.95 16.94
N ILE A 8 22.41 1.84 17.40
CA ILE A 8 21.14 2.06 16.69
C ILE A 8 21.41 2.66 15.32
N LYS A 9 20.75 2.13 14.30
CA LYS A 9 20.91 2.61 12.93
C LYS A 9 19.68 3.42 12.52
N VAL A 10 19.91 4.66 12.11
CA VAL A 10 18.84 5.51 11.63
C VAL A 10 18.52 5.14 10.19
N ILE A 11 17.27 4.72 9.95
CA ILE A 11 16.81 4.35 8.62
C ILE A 11 15.94 5.47 8.07
N LYS A 12 16.43 6.15 7.04
CA LYS A 12 15.73 7.27 6.41
C LYS A 12 14.93 6.73 5.22
N VAL A 13 13.60 6.81 5.31
CA VAL A 13 12.72 6.23 4.29
C VAL A 13 12.00 7.30 3.49
N PHE A 14 11.96 7.12 2.17
CA PHE A 14 11.24 8.00 1.27
C PHE A 14 10.18 7.18 0.55
N GLU A 15 8.91 7.53 0.77
CA GLU A 15 7.79 6.75 0.24
C GLU A 15 7.10 7.47 -0.91
N ALA A 16 7.37 7.05 -2.14
CA ALA A 16 6.68 7.60 -3.31
C ALA A 16 5.37 6.86 -3.52
N PHE A 17 4.30 7.63 -3.68
CA PHE A 17 2.94 7.08 -3.80
C PHE A 17 2.59 6.36 -2.49
N ALA A 18 2.74 7.10 -1.40
CA ALA A 18 2.79 6.55 -0.05
C ALA A 18 1.48 5.98 0.47
N GLY A 19 0.35 6.48 -0.04
CA GLY A 19 -0.96 6.09 0.48
C GLY A 19 -1.04 6.34 1.99
N ILE A 20 -1.46 5.31 2.73
CA ILE A 20 -1.53 5.41 4.18
C ILE A 20 -0.26 4.93 4.89
N GLY A 21 0.78 4.63 4.12
CA GLY A 21 2.09 4.32 4.68
C GLY A 21 2.25 2.91 5.19
N SER A 22 1.84 1.91 4.41
N SER A 22 1.84 1.93 4.38
CA SER A 22 2.09 0.52 4.79
CA SER A 22 2.11 0.52 4.68
C SER A 22 3.59 0.26 4.90
C SER A 22 3.61 0.32 4.88
N GLN A 23 4.37 0.96 4.07
N GLN A 23 4.41 0.96 4.03
CA GLN A 23 5.83 0.83 4.10
CA GLN A 23 5.86 0.82 4.09
C GLN A 23 6.38 1.31 5.43
C GLN A 23 6.40 1.32 5.43
N PHE A 24 5.99 2.52 5.83
CA PHE A 24 6.44 3.08 7.10
C PHE A 24 5.97 2.24 8.28
N LYS A 25 4.73 1.76 8.23
CA LYS A 25 4.21 0.89 9.27
C LYS A 25 5.04 -0.39 9.43
N ALA A 26 5.36 -1.04 8.33
CA ALA A 26 6.14 -2.28 8.37
C ALA A 26 7.51 -2.02 8.99
N LEU A 27 8.14 -0.92 8.62
CA LEU A 27 9.45 -0.56 9.18
C LEU A 27 9.37 -0.29 10.68
N LYS A 28 8.37 0.49 11.12
CA LYS A 28 8.16 0.74 12.55
C LYS A 28 7.90 -0.55 13.31
N ASN A 29 7.14 -1.46 12.71
CA ASN A 29 6.86 -2.76 13.32
C ASN A 29 8.08 -3.63 13.60
N ILE A 30 9.09 -3.59 12.73
CA ILE A 30 10.29 -4.41 12.90
C ILE A 30 11.48 -3.67 13.49
N ALA A 31 11.34 -2.35 13.67
CA ALA A 31 12.48 -1.50 14.02
C ALA A 31 13.21 -1.96 15.28
N ARG A 32 12.46 -2.25 16.33
CA ARG A 32 13.08 -2.66 17.59
C ARG A 32 13.91 -3.94 17.43
N SER A 33 13.36 -4.93 16.73
CA SER A 33 14.05 -6.20 16.51
C SER A 33 15.31 -6.09 15.64
N LYS A 34 15.39 -5.05 14.82
CA LYS A 34 16.57 -4.77 13.99
C LYS A 34 17.52 -3.75 14.61
N ASN A 35 17.12 -3.16 15.74
CA ASN A 35 17.83 -2.04 16.34
C ASN A 35 17.92 -0.85 15.38
N TRP A 36 16.77 -0.51 14.78
CA TRP A 36 16.65 0.62 13.87
C TRP A 36 15.79 1.71 14.47
N GLU A 37 16.03 2.94 14.02
CA GLU A 37 15.15 4.08 14.29
C GLU A 37 14.69 4.58 12.92
N ILE A 38 13.38 4.54 12.68
CA ILE A 38 12.84 4.89 11.38
C ILE A 38 12.54 6.39 11.32
N GLN A 39 13.01 7.06 10.28
CA GLN A 39 12.77 8.49 10.07
C GLN A 39 12.09 8.76 8.73
N HIS A 40 11.22 9.77 8.71
CA HIS A 40 10.63 10.24 7.45
C HIS A 40 11.64 11.09 6.68
N SER A 41 12.21 10.55 5.61
CA SER A 41 13.05 11.36 4.71
C SER A 41 12.14 12.25 3.88
N GLY A 42 11.03 11.67 3.45
CA GLY A 42 10.06 12.38 2.65
C GLY A 42 9.03 11.42 2.11
N MET A 43 8.06 11.97 1.42
CA MET A 43 7.02 11.17 0.81
C MET A 43 6.41 11.91 -0.36
N VAL A 44 5.66 11.18 -1.18
CA VAL A 44 4.93 11.77 -2.28
C VAL A 44 3.53 11.14 -2.28
N GLU A 45 2.53 11.93 -1.92
CA GLU A 45 1.14 11.47 -1.94
C GLU A 45 0.25 12.67 -2.14
N TRP A 46 -0.60 12.63 -3.18
CA TRP A 46 -1.45 13.76 -3.53
C TRP A 46 -2.92 13.59 -3.14
N PHE A 47 -3.30 12.39 -2.73
CA PHE A 47 -4.70 12.05 -2.47
C PHE A 47 -5.08 12.51 -1.07
N VAL A 48 -5.97 13.50 -1.01
CA VAL A 48 -6.29 14.18 0.24
C VAL A 48 -6.66 13.20 1.37
N ASP A 49 -7.55 12.25 1.10
N ASP A 49 -7.55 12.25 1.11
CA ASP A 49 -7.99 11.30 2.14
CA ASP A 49 -7.96 11.32 2.16
C ASP A 49 -6.84 10.40 2.62
C ASP A 49 -6.84 10.40 2.63
N ALA A 50 -5.96 10.01 1.70
CA ALA A 50 -4.77 9.24 2.08
C ALA A 50 -3.83 10.07 2.95
N ILE A 51 -3.65 11.35 2.60
CA ILE A 51 -2.73 12.21 3.35
C ILE A 51 -3.24 12.40 4.77
N VAL A 52 -4.52 12.71 4.89
CA VAL A 52 -5.18 12.86 6.19
C VAL A 52 -4.99 11.59 7.00
N SER A 53 -5.22 10.43 6.39
CA SER A 53 -5.14 9.16 7.09
C SER A 53 -3.69 8.80 7.47
N TYR A 54 -2.76 9.07 6.57
CA TYR A 54 -1.33 8.87 6.85
C TYR A 54 -0.94 9.67 8.10
N VAL A 55 -1.32 10.95 8.12
CA VAL A 55 -1.01 11.82 9.26
C VAL A 55 -1.66 11.30 10.55
N ALA A 56 -2.93 10.89 10.46
CA ALA A 56 -3.63 10.32 11.60
C ALA A 56 -2.91 9.09 12.16
N ILE A 57 -2.47 8.19 11.28
CA ILE A 57 -1.84 6.94 11.70
C ILE A 57 -0.43 7.16 12.25
N HIS A 58 0.36 7.99 11.57
CA HIS A 58 1.80 8.05 11.83
C HIS A 58 2.27 9.23 12.67
N SER A 59 1.45 10.25 12.85
CA SER A 59 1.88 11.45 13.60
C SER A 59 1.89 11.19 15.08
N LYS A 60 2.76 11.92 15.79
CA LYS A 60 2.83 11.89 17.24
C LYS A 60 2.58 13.32 17.72
N ASN A 61 1.62 13.50 18.63
CA ASN A 61 1.34 14.81 19.22
C ASN A 61 0.91 15.90 18.20
N PHE A 62 0.29 15.48 17.10
CA PHE A 62 -0.32 16.44 16.15
C PHE A 62 -1.68 16.82 16.68
N ASN A 63 -1.93 18.12 16.79
CA ASN A 63 -3.23 18.62 17.21
C ASN A 63 -3.89 19.39 16.06
N PRO A 64 -4.86 18.75 15.38
CA PRO A 64 -5.57 19.39 14.28
C PRO A 64 -6.28 20.66 14.68
N LYS A 65 -6.25 21.67 13.80
CA LYS A 65 -6.97 22.91 14.03
C LYS A 65 -7.23 23.61 12.71
N ILE A 66 -8.11 24.60 12.72
CA ILE A 66 -8.46 25.32 11.50
C ILE A 66 -7.27 26.14 11.02
N GLU A 67 -6.84 25.90 9.78
CA GLU A 67 -5.70 26.61 9.21
C GLU A 67 -5.93 26.99 7.75
N ARG A 68 -5.22 28.04 7.31
N ARG A 68 -5.22 28.03 7.30
CA ARG A 68 -5.08 28.34 5.89
CA ARG A 68 -5.09 28.33 5.89
C ARG A 68 -4.23 27.24 5.28
C ARG A 68 -4.24 27.23 5.29
N LEU A 69 -4.58 26.80 4.08
CA LEU A 69 -3.76 25.81 3.36
C LEU A 69 -2.51 26.54 2.85
N ASP A 70 -1.34 25.94 3.06
CA ASP A 70 -0.11 26.50 2.53
C ASP A 70 -0.26 26.81 1.04
N ARG A 71 0.26 27.96 0.62
CA ARG A 71 0.01 28.49 -0.72
C ARG A 71 0.69 27.73 -1.85
N ASP A 72 1.64 26.85 -1.56
CA ASP A 72 2.24 26.02 -2.60
C ASP A 72 1.68 24.59 -2.64
N ILE A 73 0.71 24.30 -1.79
CA ILE A 73 0.02 23.00 -1.86
C ILE A 73 -1.07 23.13 -2.91
N LEU A 74 -0.68 22.87 -4.15
CA LEU A 74 -1.51 23.15 -5.32
C LEU A 74 -1.84 21.92 -6.13
N SER A 75 -1.02 20.88 -6.04
CA SER A 75 -1.33 19.65 -6.77
C SER A 75 -1.75 18.55 -5.82
N ILE A 76 -3.05 18.47 -5.60
CA ILE A 76 -3.66 17.45 -4.76
C ILE A 76 -4.93 16.97 -5.43
N SER A 77 -5.51 15.91 -4.90
CA SER A 77 -6.64 15.23 -5.54
C SER A 77 -7.63 14.74 -4.49
N ASN A 78 -8.92 14.97 -4.72
CA ASN A 78 -9.96 14.45 -3.84
C ASN A 78 -10.37 13.01 -4.17
N ASP A 79 -10.18 12.57 -5.42
CA ASP A 79 -10.56 11.22 -5.81
C ASP A 79 -9.38 10.26 -6.05
N SER A 80 -8.16 10.80 -6.01
CA SER A 80 -6.89 10.08 -6.23
C SER A 80 -6.50 10.01 -7.71
N LYS A 81 -7.41 10.39 -8.61
CA LYS A 81 -7.22 10.25 -10.06
C LYS A 81 -7.00 11.60 -10.75
N MET A 82 -7.79 12.60 -10.37
CA MET A 82 -7.81 13.89 -11.06
C MET A 82 -7.45 15.03 -10.11
N PRO A 83 -6.80 16.07 -10.63
CA PRO A 83 -6.42 17.17 -9.76
C PRO A 83 -7.62 17.96 -9.26
N ILE A 84 -7.52 18.48 -8.04
N ILE A 84 -7.50 18.49 -8.06
CA ILE A 84 -8.57 19.33 -7.48
CA ILE A 84 -8.53 19.33 -7.46
C ILE A 84 -8.52 20.69 -8.17
C ILE A 84 -8.51 20.70 -8.17
N SER A 85 -9.68 21.28 -8.38
CA SER A 85 -9.77 22.59 -9.02
C SER A 85 -9.37 23.72 -8.06
N GLU A 86 -9.22 24.92 -8.61
CA GLU A 86 -8.97 26.09 -7.79
C GLU A 86 -10.07 26.25 -6.73
N TYR A 87 -11.30 25.97 -7.13
CA TYR A 87 -12.45 26.03 -6.22
C TYR A 87 -12.33 25.02 -5.08
N GLY A 88 -11.97 23.78 -5.42
CA GLY A 88 -11.85 22.74 -4.41
C GLY A 88 -10.75 23.05 -3.41
N ILE A 89 -9.69 23.72 -3.87
CA ILE A 89 -8.62 24.14 -2.97
C ILE A 89 -9.15 25.17 -1.98
N LYS A 90 -9.98 26.09 -2.49
CA LYS A 90 -10.65 27.07 -1.65
C LYS A 90 -11.46 26.42 -0.52
N LYS A 91 -12.16 25.34 -0.84
N LYS A 91 -12.18 25.34 -0.83
CA LYS A 91 -12.98 24.63 0.14
CA LYS A 91 -12.99 24.65 0.16
C LYS A 91 -12.18 23.97 1.27
C LYS A 91 -12.17 24.01 1.28
N ILE A 92 -10.94 23.59 0.97
CA ILE A 92 -10.03 23.04 1.99
C ILE A 92 -9.39 24.16 2.81
N ASN A 93 -9.08 25.27 2.15
CA ASN A 93 -8.51 26.42 2.84
C ASN A 93 -9.41 26.83 4.01
N ASN A 94 -8.81 27.09 5.16
CA ASN A 94 -9.53 27.48 6.39
C ASN A 94 -10.43 26.40 6.95
N THR A 95 -9.87 25.20 7.07
CA THR A 95 -10.53 24.06 7.69
C THR A 95 -9.52 23.26 8.49
N ILE A 96 -10.03 22.40 9.38
CA ILE A 96 -9.20 21.43 10.08
C ILE A 96 -8.43 20.54 9.08
N LYS A 97 -9.11 20.12 8.02
CA LYS A 97 -8.50 19.31 6.99
C LYS A 97 -7.20 19.93 6.47
N ALA A 98 -7.20 21.23 6.24
CA ALA A 98 -5.99 21.94 5.82
C ALA A 98 -4.81 21.66 6.73
N SER A 99 -5.03 21.61 8.05
CA SER A 99 -3.92 21.40 8.98
C SER A 99 -3.24 20.05 8.78
N TYR A 100 -4.00 19.02 8.36
CA TYR A 100 -3.41 17.73 8.03
C TYR A 100 -2.46 17.84 6.84
N LEU A 101 -2.88 18.56 5.81
CA LEU A 101 -2.06 18.70 4.61
C LEU A 101 -0.79 19.51 4.91
N ASN A 102 -0.97 20.61 5.64
CA ASN A 102 0.17 21.41 6.11
C ASN A 102 1.16 20.57 6.95
N TYR A 103 0.63 19.71 7.82
CA TYR A 103 1.47 18.87 8.67
C TYR A 103 2.26 17.86 7.85
N ALA A 104 1.60 17.22 6.89
CA ALA A 104 2.29 16.28 5.99
C ALA A 104 3.46 16.97 5.26
N LYS A 105 3.23 18.20 4.80
CA LYS A 105 4.30 18.98 4.15
C LYS A 105 5.44 19.26 5.11
N LYS A 106 5.12 19.84 6.25
CA LYS A 106 6.14 20.34 7.18
C LYS A 106 6.89 19.23 7.92
N HIS A 107 6.15 18.27 8.46
CA HIS A 107 6.75 17.26 9.34
C HIS A 107 7.17 15.97 8.63
N PHE A 108 6.44 15.59 7.58
CA PHE A 108 6.78 14.37 6.83
C PHE A 108 7.44 14.66 5.50
N ASN A 109 7.65 15.94 5.18
CA ASN A 109 8.26 16.33 3.92
C ASN A 109 7.53 15.70 2.72
N ASN A 110 6.20 15.83 2.73
CA ASN A 110 5.40 15.42 1.58
C ASN A 110 5.59 16.44 0.48
N LEU A 111 6.04 15.96 -0.68
CA LEU A 111 6.23 16.78 -1.88
C LEU A 111 5.02 16.68 -2.81
N PHE A 112 4.04 15.85 -2.42
CA PHE A 112 2.69 15.78 -3.00
C PHE A 112 2.57 15.16 -4.39
N ASP A 113 3.28 15.70 -5.36
CA ASP A 113 3.16 15.31 -6.76
C ASP A 113 4.54 14.91 -7.28
N ILE A 114 4.63 13.72 -7.85
CA ILE A 114 5.91 13.19 -8.34
C ILE A 114 6.54 14.07 -9.42
N LYS A 115 5.71 14.73 -10.23
N LYS A 115 5.72 14.74 -10.24
CA LYS A 115 6.20 15.62 -11.28
CA LYS A 115 6.23 15.64 -11.28
C LYS A 115 6.90 16.85 -10.69
C LYS A 115 6.98 16.83 -10.67
N LYS A 116 6.66 17.13 -9.42
N LYS A 116 6.67 17.16 -9.43
CA LYS A 116 7.30 18.24 -8.73
CA LYS A 116 7.32 18.27 -8.76
C LYS A 116 8.56 17.83 -7.96
C LYS A 116 8.56 17.84 -7.95
N VAL A 117 8.94 16.56 -8.02
CA VAL A 117 10.14 16.07 -7.34
C VAL A 117 11.32 16.10 -8.31
N ASN A 118 12.45 16.60 -7.83
CA ASN A 118 13.64 16.76 -8.67
C ASN A 118 14.89 16.70 -7.80
N LYS A 119 16.05 16.81 -8.41
CA LYS A 119 17.30 16.72 -7.64
C LYS A 119 17.52 17.85 -6.62
N ASP A 120 16.76 18.94 -6.74
N ASP A 120 16.76 18.93 -6.71
CA ASP A 120 16.84 20.06 -5.79
CA ASP A 120 16.88 20.02 -5.74
C ASP A 120 16.01 19.84 -4.51
C ASP A 120 15.94 19.91 -4.53
N ASN A 121 15.03 18.93 -4.53
CA ASN A 121 14.24 18.60 -3.34
C ASN A 121 14.20 17.10 -2.96
N PHE A 122 14.87 16.25 -3.73
CA PHE A 122 14.94 14.83 -3.39
C PHE A 122 16.05 14.64 -2.34
N PRO A 123 15.71 14.10 -1.18
CA PRO A 123 16.69 14.01 -0.09
C PRO A 123 17.91 13.14 -0.43
N LYS A 124 19.07 13.56 0.05
CA LYS A 124 20.29 12.76 -0.10
C LYS A 124 20.33 11.68 0.97
N ASN A 125 21.08 10.62 0.70
CA ASN A 125 21.38 9.57 1.67
C ASN A 125 20.19 8.75 2.14
N ILE A 126 19.19 8.63 1.28
CA ILE A 126 18.01 7.80 1.59
C ILE A 126 18.45 6.35 1.77
N ASP A 127 17.91 5.70 2.80
CA ASP A 127 18.22 4.30 3.04
C ASP A 127 17.25 3.38 2.29
N ILE A 128 15.98 3.75 2.26
CA ILE A 128 14.95 2.96 1.58
C ILE A 128 14.02 3.89 0.80
N PHE A 129 13.93 3.66 -0.51
CA PHE A 129 13.03 4.40 -1.39
C PHE A 129 11.98 3.44 -1.90
N THR A 130 10.71 3.72 -1.63
CA THR A 130 9.63 2.84 -2.07
C THR A 130 8.80 3.51 -3.16
N TYR A 131 8.24 2.70 -4.05
CA TYR A 131 7.53 3.24 -5.20
C TYR A 131 6.64 2.20 -5.89
N SER A 132 5.95 2.64 -6.94
N SER A 132 5.94 2.65 -6.94
N SER A 132 5.92 2.66 -6.91
CA SER A 132 5.11 1.77 -7.76
CA SER A 132 5.09 1.79 -7.75
CA SER A 132 5.00 1.83 -7.69
C SER A 132 4.78 2.53 -9.03
C SER A 132 4.80 2.53 -9.04
C SER A 132 4.77 2.54 -9.02
N PHE A 133 4.05 1.90 -9.95
CA PHE A 133 3.63 2.55 -11.21
C PHE A 133 2.61 1.67 -11.92
N PRO A 134 1.67 2.28 -12.67
CA PRO A 134 0.75 1.43 -13.46
C PRO A 134 1.44 0.83 -14.69
N CYS A 135 0.97 -0.34 -15.12
CA CYS A 135 1.61 -1.08 -16.22
C CYS A 135 1.73 -0.29 -17.53
N GLN A 136 0.74 0.56 -17.79
CA GLN A 136 0.79 1.45 -18.96
C GLN A 136 2.10 2.24 -19.06
N ASP A 137 2.66 2.64 -17.91
CA ASP A 137 3.90 3.44 -17.86
C ASP A 137 5.12 2.78 -18.50
N LEU A 138 5.07 1.46 -18.70
CA LEU A 138 6.16 0.73 -19.36
C LEU A 138 6.23 1.06 -20.85
N SER A 139 5.09 1.41 -21.44
CA SER A 139 4.99 1.71 -22.87
C SER A 139 5.11 3.21 -23.15
N VAL A 140 5.13 3.58 -24.42
CA VAL A 140 5.26 4.98 -24.84
C VAL A 140 4.07 5.86 -24.41
N GLN A 141 2.85 5.36 -24.61
CA GLN A 141 1.63 6.10 -24.24
C GLN A 141 0.40 5.23 -24.42
N THR A 153 11.20 3.07 -24.08
CA THR A 153 10.84 4.36 -23.52
C THR A 153 9.69 4.21 -22.50
N ARG A 154 9.77 4.98 -21.41
CA ARG A 154 8.74 4.97 -20.36
C ARG A 154 7.80 6.16 -20.52
N SER A 155 6.71 6.13 -19.76
CA SER A 155 5.75 7.24 -19.72
C SER A 155 5.17 7.39 -18.32
N GLY A 156 4.42 8.47 -18.11
CA GLY A 156 3.65 8.65 -16.88
C GLY A 156 4.49 8.69 -15.61
N LEU A 157 4.01 8.04 -14.56
CA LEU A 157 4.67 8.06 -13.26
C LEU A 157 6.07 7.44 -13.28
N LEU A 158 6.25 6.36 -14.04
CA LEU A 158 7.56 5.71 -14.12
C LEU A 158 8.57 6.61 -14.82
N TRP A 159 8.12 7.33 -15.85
CA TRP A 159 8.98 8.29 -16.53
C TRP A 159 9.49 9.33 -15.52
N GLU A 160 8.62 9.78 -14.62
CA GLU A 160 9.03 10.75 -13.59
C GLU A 160 10.05 10.13 -12.63
N ILE A 161 9.80 8.90 -12.18
N ILE A 161 9.81 8.90 -12.18
CA ILE A 161 10.73 8.16 -11.32
CA ILE A 161 10.77 8.20 -11.31
C ILE A 161 12.09 8.02 -12.01
C ILE A 161 12.11 8.02 -12.02
N GLU A 162 12.06 7.63 -13.29
CA GLU A 162 13.28 7.53 -14.11
C GLU A 162 13.97 8.88 -14.27
N ARG A 163 13.18 9.93 -14.52
CA ARG A 163 13.74 11.28 -14.58
C ARG A 163 14.43 11.63 -13.27
N ILE A 164 13.77 11.34 -12.15
CA ILE A 164 14.35 11.64 -10.84
C ILE A 164 15.65 10.88 -10.62
N LEU A 165 15.65 9.59 -10.92
CA LEU A 165 16.88 8.81 -10.78
C LEU A 165 17.98 9.33 -11.70
N GLU A 166 17.65 9.62 -12.96
CA GLU A 166 18.60 10.26 -13.88
C GLU A 166 19.18 11.55 -13.29
N GLU A 167 18.30 12.42 -12.80
CA GLU A 167 18.73 13.71 -12.25
C GLU A 167 19.68 13.54 -11.06
N ILE A 168 19.29 12.72 -10.09
CA ILE A 168 20.12 12.59 -8.89
C ILE A 168 21.42 11.83 -9.19
N LYS A 169 21.40 10.92 -10.15
CA LYS A 169 22.61 10.22 -10.59
C LYS A 169 23.70 11.24 -10.99
N ASN A 170 23.30 12.31 -11.66
CA ASN A 170 24.23 13.33 -12.13
C ASN A 170 24.66 14.34 -11.07
N SER A 171 23.80 14.61 -10.09
CA SER A 171 24.09 15.64 -9.08
C SER A 171 24.59 15.07 -7.75
N PHE A 172 24.16 13.86 -7.41
CA PHE A 172 24.55 13.23 -6.14
C PHE A 172 25.83 12.44 -6.34
N SER A 173 26.59 12.28 -5.26
CA SER A 173 27.61 11.24 -5.23
C SER A 173 26.89 9.89 -5.25
N LYS A 174 27.60 8.84 -5.64
N LYS A 174 27.60 8.82 -5.60
CA LYS A 174 27.01 7.50 -5.62
CA LYS A 174 27.02 7.48 -5.62
C LYS A 174 26.51 7.15 -4.22
C LYS A 174 26.51 7.12 -4.22
N GLU A 175 27.27 7.55 -3.21
N GLU A 175 27.26 7.50 -3.20
CA GLU A 175 26.94 7.24 -1.81
CA GLU A 175 26.90 7.19 -1.82
C GLU A 175 25.67 7.96 -1.32
C GLU A 175 25.64 7.94 -1.34
N GLU A 176 25.33 9.07 -1.95
CA GLU A 176 24.13 9.84 -1.61
C GLU A 176 22.85 9.29 -2.24
N MET A 177 22.98 8.39 -3.22
N MET A 177 22.96 8.40 -3.22
CA MET A 177 21.85 7.76 -3.88
CA MET A 177 21.79 7.85 -3.86
C MET A 177 21.15 6.82 -2.89
C MET A 177 21.16 6.79 -2.96
N PRO A 178 19.85 6.55 -3.11
CA PRO A 178 19.17 5.59 -2.25
C PRO A 178 19.89 4.23 -2.18
N LYS A 179 20.00 3.68 -0.98
CA LYS A 179 20.68 2.39 -0.80
C LYS A 179 19.84 1.21 -1.30
N TYR A 180 18.56 1.22 -0.97
CA TYR A 180 17.61 0.21 -1.42
C TYR A 180 16.41 0.88 -2.10
N LEU A 181 15.88 0.24 -3.14
CA LEU A 181 14.60 0.61 -3.74
C LEU A 181 13.63 -0.55 -3.60
N LEU A 182 12.35 -0.25 -3.42
CA LEU A 182 11.34 -1.32 -3.41
C LEU A 182 10.09 -0.88 -4.16
N MET A 183 9.82 -1.60 -5.25
CA MET A 183 8.59 -1.44 -6.02
C MET A 183 7.57 -2.46 -5.54
N GLU A 184 6.32 -2.02 -5.43
CA GLU A 184 5.18 -2.94 -5.32
C GLU A 184 4.32 -2.73 -6.55
N ASN A 185 3.69 -3.79 -7.01
CA ASN A 185 2.78 -3.71 -8.13
C ASN A 185 1.84 -4.91 -8.18
N VAL A 186 0.85 -4.84 -9.06
CA VAL A 186 -0.09 -5.93 -9.24
C VAL A 186 0.50 -7.05 -10.10
N LYS A 187 -0.10 -8.23 -9.99
CA LYS A 187 0.39 -9.45 -10.65
C LYS A 187 0.53 -9.33 -12.17
N ASN A 188 -0.38 -8.57 -12.76
CA ASN A 188 -0.42 -8.38 -14.21
C ASN A 188 0.82 -7.67 -14.79
N LEU A 189 1.68 -7.13 -13.92
CA LEU A 189 2.98 -6.61 -14.34
C LEU A 189 3.83 -7.67 -15.04
N LEU A 190 3.62 -8.94 -14.67
CA LEU A 190 4.36 -10.04 -15.27
C LEU A 190 3.59 -10.77 -16.37
N SER A 191 2.53 -10.16 -16.89
CA SER A 191 1.74 -10.77 -17.97
C SER A 191 2.55 -10.84 -19.27
N HIS A 192 2.00 -11.56 -20.24
CA HIS A 192 2.62 -11.66 -21.57
C HIS A 192 2.87 -10.29 -22.19
N LYS A 193 1.92 -9.38 -22.01
CA LYS A 193 1.99 -8.07 -22.66
C LYS A 193 2.91 -7.07 -21.96
N ASN A 194 3.24 -7.33 -20.69
CA ASN A 194 4.04 -6.41 -19.87
C ASN A 194 5.43 -6.88 -19.42
N LYS A 195 5.67 -8.19 -19.43
N LYS A 195 5.67 -8.18 -19.43
CA LYS A 195 6.85 -8.78 -18.81
CA LYS A 195 6.87 -8.73 -18.77
C LYS A 195 8.17 -8.33 -19.42
C LYS A 195 8.19 -8.31 -19.42
N LYS A 196 8.24 -8.28 -20.75
CA LYS A 196 9.45 -7.85 -21.47
C LYS A 196 9.79 -6.39 -21.17
N ASN A 197 8.79 -5.51 -21.23
CA ASN A 197 8.98 -4.09 -20.93
C ASN A 197 9.29 -3.85 -19.45
N TYR A 198 8.76 -4.69 -18.57
CA TYR A 198 9.14 -4.66 -17.17
C TYR A 198 10.62 -4.98 -17.06
N ASN A 199 11.07 -6.01 -17.78
CA ASN A 199 12.49 -6.38 -17.78
C ASN A 199 13.40 -5.25 -18.26
N THR A 200 12.91 -4.41 -19.17
CA THR A 200 13.71 -3.27 -19.62
C THR A 200 13.81 -2.18 -18.54
N TRP A 201 12.78 -2.04 -17.70
CA TRP A 201 12.90 -1.20 -16.50
C TRP A 201 14.01 -1.73 -15.59
N LEU A 202 14.07 -3.03 -15.40
CA LEU A 202 15.14 -3.63 -14.58
C LEU A 202 16.52 -3.34 -15.18
N LYS A 203 16.62 -3.39 -16.50
CA LYS A 203 17.87 -3.02 -17.21
C LYS A 203 18.26 -1.56 -16.93
N GLN A 204 17.26 -0.69 -16.91
CA GLN A 204 17.47 0.72 -16.62
C GLN A 204 17.94 0.93 -15.18
N LEU A 205 17.37 0.17 -14.23
CA LEU A 205 17.83 0.21 -12.84
C LEU A 205 19.30 -0.22 -12.75
N GLU A 206 19.66 -1.22 -13.55
CA GLU A 206 21.05 -1.63 -13.68
C GLU A 206 21.94 -0.48 -14.16
N LYS A 207 21.49 0.25 -15.17
N LYS A 207 21.49 0.27 -15.16
CA LYS A 207 22.22 1.42 -15.67
CA LYS A 207 22.25 1.41 -15.66
C LYS A 207 22.40 2.49 -14.59
C LYS A 207 22.39 2.51 -14.61
N PHE A 208 21.41 2.61 -13.71
CA PHE A 208 21.49 3.53 -12.59
C PHE A 208 22.34 3.03 -11.42
N GLY A 209 22.83 1.79 -11.51
CA GLY A 209 23.77 1.23 -10.53
C GLY A 209 23.18 0.29 -9.47
N TYR A 210 22.00 -0.29 -9.80
CA TYR A 210 21.27 -1.15 -8.87
C TYR A 210 21.22 -2.59 -9.39
N LYS A 211 21.31 -3.54 -8.44
CA LYS A 211 21.01 -4.94 -8.74
C LYS A 211 19.67 -5.27 -8.12
N SER A 212 18.85 -6.04 -8.84
CA SER A 212 17.45 -6.23 -8.43
C SER A 212 17.03 -7.69 -8.45
N LYS A 213 16.00 -7.98 -7.65
CA LYS A 213 15.34 -9.27 -7.69
C LYS A 213 13.83 -9.07 -7.66
N THR A 214 13.13 -9.81 -8.53
CA THR A 214 11.67 -9.77 -8.57
C THR A 214 11.07 -10.91 -7.74
N TYR A 215 10.09 -10.58 -6.90
CA TYR A 215 9.35 -11.56 -6.13
C TYR A 215 7.87 -11.47 -6.47
N LEU A 216 7.21 -12.62 -6.66
CA LEU A 216 5.76 -12.68 -6.67
C LEU A 216 5.35 -13.32 -5.36
N LEU A 217 4.69 -12.55 -4.49
CA LEU A 217 4.36 -13.01 -3.15
C LEU A 217 2.88 -12.94 -2.88
N ASN A 218 2.36 -13.95 -2.18
CA ASN A 218 0.97 -13.97 -1.78
C ASN A 218 0.85 -13.71 -0.28
N SER A 219 0.03 -12.72 0.08
CA SER A 219 -0.24 -12.38 1.48
C SER A 219 -0.61 -13.59 2.35
N LYS A 220 -1.29 -14.57 1.76
CA LYS A 220 -1.74 -15.73 2.51
C LYS A 220 -0.56 -16.51 3.12
N ASN A 221 0.63 -16.36 2.55
CA ASN A 221 1.82 -17.05 3.02
C ASN A 221 2.59 -16.24 4.06
N PHE A 222 2.10 -15.03 4.33
CA PHE A 222 2.68 -14.12 5.31
C PHE A 222 1.66 -13.74 6.37
N ASP A 223 1.16 -14.78 7.04
N ASP A 223 1.16 -14.78 7.05
CA ASP A 223 0.29 -14.67 8.22
CA ASP A 223 0.29 -14.66 8.22
C ASP A 223 -0.99 -13.87 7.96
C ASP A 223 -1.00 -13.88 7.97
N ASN A 224 -1.57 -14.01 6.78
CA ASN A 224 -2.81 -13.31 6.45
C ASN A 224 -3.90 -14.23 5.95
N CYS A 225 -5.14 -13.79 6.14
CA CYS A 225 -6.32 -14.54 5.71
C CYS A 225 -6.86 -14.00 4.38
N GLN A 226 -5.96 -13.52 3.53
CA GLN A 226 -6.33 -12.87 2.27
C GLN A 226 -5.48 -13.45 1.15
N ASN A 227 -6.13 -13.88 0.08
CA ASN A 227 -5.46 -14.15 -1.18
C ASN A 227 -5.10 -12.82 -1.82
N ARG A 228 -3.81 -12.51 -1.94
CA ARG A 228 -3.39 -11.26 -2.57
C ARG A 228 -1.98 -11.44 -3.12
N GLU A 229 -1.89 -11.57 -4.44
CA GLU A 229 -0.62 -11.77 -5.12
C GLU A 229 -0.10 -10.43 -5.61
N ARG A 230 1.11 -10.09 -5.17
CA ARG A 230 1.72 -8.83 -5.56
C ARG A 230 3.16 -9.02 -6.00
N VAL A 231 3.59 -8.15 -6.91
CA VAL A 231 4.95 -8.19 -7.44
C VAL A 231 5.77 -7.16 -6.71
N PHE A 232 6.96 -7.57 -6.28
CA PHE A 232 7.90 -6.68 -5.62
C PHE A 232 9.22 -6.74 -6.37
N CYS A 233 9.84 -5.58 -6.55
CA CYS A 233 11.18 -5.52 -7.10
C CYS A 233 12.04 -4.83 -6.06
N LEU A 234 12.87 -5.62 -5.38
CA LEU A 234 13.81 -5.11 -4.40
C LEU A 234 15.13 -4.86 -5.11
N SER A 235 15.63 -3.64 -4.98
CA SER A 235 16.89 -3.24 -5.61
C SER A 235 17.88 -2.79 -4.54
N ILE A 236 19.16 -3.11 -4.75
CA ILE A 236 20.20 -2.62 -3.87
C ILE A 236 21.28 -1.93 -4.71
N ARG A 237 21.76 -0.78 -4.23
CA ARG A 237 22.81 -0.05 -4.92
C ARG A 237 24.06 -0.92 -4.92
N ASP A 238 24.71 -1.05 -6.08
CA ASP A 238 25.66 -2.15 -6.26
C ASP A 238 26.93 -2.02 -5.41
N ASP A 239 27.38 -0.80 -5.14
CA ASP A 239 28.49 -0.61 -4.20
C ASP A 239 28.10 -0.96 -2.76
N TYR A 240 26.84 -0.72 -2.40
CA TYR A 240 26.36 -1.04 -1.04
C TYR A 240 26.19 -2.55 -0.84
N LEU A 241 25.88 -3.23 -1.96
CA LEU A 241 25.86 -4.67 -2.01
C LEU A 241 27.24 -5.23 -1.69
N GLU A 242 28.25 -4.67 -2.34
CA GLU A 242 29.64 -5.08 -2.11
C GLU A 242 30.10 -4.79 -0.69
N LYS A 243 29.74 -3.62 -0.16
CA LYS A 243 30.13 -3.24 1.20
C LYS A 243 29.47 -4.12 2.27
N THR A 244 28.18 -4.41 2.12
CA THR A 244 27.43 -5.15 3.15
C THR A 244 27.52 -6.65 3.03
N GLY A 245 27.81 -7.16 1.82
CA GLY A 245 27.73 -8.58 1.56
C GLY A 245 26.29 -9.10 1.55
N PHE A 246 25.34 -8.20 1.28
CA PHE A 246 23.93 -8.54 1.19
C PHE A 246 23.72 -9.61 0.12
N LYS A 247 22.87 -10.58 0.46
CA LYS A 247 22.40 -11.58 -0.50
C LYS A 247 20.87 -11.56 -0.50
N PHE A 248 20.26 -11.66 -1.68
CA PHE A 248 18.80 -11.74 -1.76
C PHE A 248 18.29 -13.04 -1.15
N LYS A 249 17.21 -12.96 -0.37
CA LYS A 249 16.60 -14.15 0.22
C LYS A 249 15.51 -14.67 -0.69
N GLU A 250 15.29 -15.99 -0.65
CA GLU A 250 14.27 -16.63 -1.48
C GLU A 250 12.90 -16.57 -0.82
N LEU A 251 12.27 -15.41 -0.91
CA LEU A 251 10.99 -15.16 -0.23
C LEU A 251 9.81 -15.91 -0.85
N GLU A 252 9.91 -16.31 -2.12
CA GLU A 252 8.80 -17.06 -2.75
C GLU A 252 8.57 -18.46 -2.18
N LYS A 253 9.54 -18.99 -1.45
N LYS A 253 9.55 -18.99 -1.46
CA LYS A 253 9.41 -20.30 -0.82
CA LYS A 253 9.43 -20.30 -0.81
C LYS A 253 8.84 -20.23 0.60
C LYS A 253 8.81 -20.23 0.59
N VAL A 254 8.66 -19.02 1.12
CA VAL A 254 8.16 -18.84 2.48
C VAL A 254 6.68 -19.23 2.56
N LYS A 255 6.34 -20.12 3.49
N LYS A 255 6.35 -20.11 3.49
CA LYS A 255 4.95 -20.49 3.72
CA LYS A 255 4.98 -20.54 3.74
C LYS A 255 4.70 -20.57 5.22
C LYS A 255 4.71 -20.57 5.24
N ASN A 256 4.16 -19.49 5.78
CA ASN A 256 3.85 -19.42 7.21
C ASN A 256 2.53 -20.13 7.51
N PRO A 257 2.22 -20.37 8.79
CA PRO A 257 0.98 -21.08 9.07
C PRO A 257 -0.24 -20.33 8.55
N PRO A 258 -1.29 -21.06 8.13
N PRO A 258 -1.25 -21.05 8.01
CA PRO A 258 -2.48 -20.42 7.57
CA PRO A 258 -2.46 -20.40 7.50
C PRO A 258 -3.23 -19.55 8.60
C PRO A 258 -3.22 -19.58 8.55
N LYS A 259 -3.89 -18.52 8.11
N LYS A 259 -3.86 -18.52 8.10
CA LYS A 259 -4.79 -17.70 8.92
CA LYS A 259 -4.75 -17.71 8.94
C LYS A 259 -6.15 -17.71 8.23
C LYS A 259 -6.08 -17.67 8.22
N LYS A 260 -7.23 -17.70 9.01
N LYS A 260 -7.18 -17.70 8.96
CA LYS A 260 -8.60 -17.74 8.49
CA LYS A 260 -8.51 -17.68 8.34
C LYS A 260 -9.27 -16.39 8.69
C LYS A 260 -9.28 -16.41 8.68
N ILE A 261 -10.28 -16.09 7.88
CA ILE A 261 -11.02 -14.83 8.02
C ILE A 261 -11.56 -14.67 9.45
N LYS A 262 -12.05 -15.76 10.02
N LYS A 262 -12.05 -15.77 10.02
CA LYS A 262 -12.62 -15.71 11.37
CA LYS A 262 -12.60 -15.76 11.37
C LYS A 262 -11.64 -15.17 12.41
C LYS A 262 -11.63 -15.17 12.40
N ASP A 263 -10.34 -15.32 12.18
CA ASP A 263 -9.31 -14.84 13.11
C ASP A 263 -9.25 -13.30 13.25
N ILE A 264 -9.79 -12.55 12.28
CA ILE A 264 -9.77 -11.07 12.35
C ILE A 264 -11.12 -10.42 12.63
N LEU A 265 -12.19 -11.21 12.64
CA LEU A 265 -13.53 -10.62 12.74
C LEU A 265 -13.77 -10.01 14.11
N VAL A 266 -14.53 -8.92 14.11
CA VAL A 266 -14.83 -8.15 15.30
C VAL A 266 -16.28 -8.43 15.68
N ASP A 267 -16.52 -8.76 16.96
CA ASP A 267 -17.87 -9.04 17.45
C ASP A 267 -18.67 -7.76 17.56
N SER A 268 -19.92 -7.81 17.13
CA SER A 268 -20.86 -6.68 17.33
C SER A 268 -22.30 -7.16 17.38
N SER A 269 -23.12 -6.46 18.14
N SER A 269 -23.13 -6.43 18.12
CA SER A 269 -24.55 -6.73 18.20
CA SER A 269 -24.55 -6.69 18.17
C SER A 269 -25.37 -5.81 17.27
C SER A 269 -25.29 -5.89 17.11
N ASN A 270 -24.70 -5.06 16.41
N ASN A 270 -24.57 -5.00 16.43
CA ASN A 270 -25.37 -4.06 15.57
CA ASN A 270 -25.19 -3.94 15.63
C ASN A 270 -24.79 -3.96 14.17
C ASN A 270 -24.91 -3.99 14.12
N TYR A 271 -24.40 -5.10 13.60
CA TYR A 271 -24.07 -5.17 12.19
C TYR A 271 -25.32 -5.17 11.32
N LYS A 272 -25.15 -4.75 10.07
N LYS A 272 -25.14 -4.75 10.07
CA LYS A 272 -26.21 -4.78 9.08
CA LYS A 272 -26.21 -4.78 9.07
C LYS A 272 -26.03 -6.05 8.28
C LYS A 272 -26.03 -6.05 8.28
N TYR A 273 -27.09 -6.85 8.18
CA TYR A 273 -27.04 -8.12 7.43
C TYR A 273 -27.82 -8.00 6.13
N LEU A 274 -27.32 -8.67 5.10
CA LEU A 274 -27.90 -8.58 3.78
C LEU A 274 -29.06 -9.53 3.65
N ASN A 275 -30.12 -9.08 3.02
CA ASN A 275 -31.24 -9.94 2.72
C ASN A 275 -30.99 -10.65 1.41
N LEU A 276 -30.61 -11.92 1.50
CA LEU A 276 -30.34 -12.73 0.31
C LEU A 276 -31.41 -13.78 0.08
N ASN A 277 -32.61 -13.57 0.64
CA ASN A 277 -33.65 -14.59 0.57
C ASN A 277 -34.12 -14.90 -0.86
N LYS A 278 -34.02 -13.93 -1.76
N LYS A 278 -34.00 -13.92 -1.76
CA LYS A 278 -34.50 -14.14 -3.14
CA LYS A 278 -34.43 -14.06 -3.14
C LYS A 278 -33.56 -14.99 -4.01
C LYS A 278 -33.57 -15.01 -3.98
N TYR A 279 -32.35 -15.26 -3.54
CA TYR A 279 -31.32 -15.88 -4.40
C TYR A 279 -31.03 -17.33 -4.06
N GLU A 280 -31.03 -18.18 -5.09
N GLU A 280 -31.00 -18.16 -5.10
CA GLU A 280 -30.62 -19.56 -4.93
CA GLU A 280 -30.60 -19.56 -4.99
C GLU A 280 -29.10 -19.62 -4.72
C GLU A 280 -29.10 -19.63 -4.75
N THR A 281 -28.66 -20.67 -4.06
CA THR A 281 -27.24 -20.85 -3.81
C THR A 281 -26.89 -22.34 -3.81
N THR A 282 -25.66 -22.65 -3.43
CA THR A 282 -25.13 -24.02 -3.49
C THR A 282 -24.30 -24.26 -2.24
N THR A 283 -23.72 -25.46 -2.15
CA THR A 283 -22.73 -25.72 -1.11
C THR A 283 -21.49 -24.86 -1.32
N PHE A 284 -20.71 -24.67 -0.25
CA PHE A 284 -19.39 -24.08 -0.36
C PHE A 284 -18.44 -25.02 -1.05
N ARG A 285 -17.51 -24.47 -1.82
N ARG A 285 -17.53 -24.47 -1.85
CA ARG A 285 -16.41 -25.26 -2.38
CA ARG A 285 -16.41 -25.25 -2.39
C ARG A 285 -15.10 -24.51 -2.17
C ARG A 285 -15.10 -24.50 -2.15
N GLU A 286 -14.04 -25.27 -1.90
CA GLU A 286 -12.72 -24.71 -1.67
C GLU A 286 -11.89 -24.93 -2.92
N THR A 287 -11.22 -23.87 -3.38
CA THR A 287 -10.32 -23.96 -4.53
C THR A 287 -8.90 -24.24 -4.06
N LYS A 288 -7.99 -24.40 -5.01
N LYS A 288 -8.00 -24.43 -5.02
CA LYS A 288 -6.59 -24.67 -4.70
CA LYS A 288 -6.58 -24.64 -4.74
C LYS A 288 -5.94 -23.52 -3.90
C LYS A 288 -5.98 -23.53 -3.87
N SER A 289 -6.46 -22.31 -4.07
CA SER A 289 -5.95 -21.14 -3.32
C SER A 289 -6.42 -21.00 -1.87
N ASN A 290 -7.19 -21.97 -1.39
N ASN A 290 -7.22 -21.96 -1.41
CA ASN A 290 -7.75 -21.99 -0.02
CA ASN A 290 -7.74 -21.98 -0.03
C ASN A 290 -8.94 -21.03 0.20
C ASN A 290 -8.93 -21.02 0.19
N ILE A 291 -9.49 -20.48 -0.89
CA ILE A 291 -10.68 -19.61 -0.82
C ILE A 291 -11.89 -20.54 -0.81
N ILE A 292 -12.78 -20.35 0.16
CA ILE A 292 -13.95 -21.19 0.28
C ILE A 292 -15.15 -20.29 0.02
N SER A 293 -15.91 -20.57 -1.04
CA SER A 293 -16.98 -19.67 -1.46
C SER A 293 -18.16 -20.41 -2.07
N ARG A 294 -19.28 -19.70 -2.16
CA ARG A 294 -20.47 -20.19 -2.84
C ARG A 294 -21.11 -19.06 -3.62
N PRO A 295 -21.69 -19.36 -4.78
CA PRO A 295 -22.32 -18.36 -5.61
C PRO A 295 -23.77 -18.06 -5.24
N LEU A 296 -24.18 -16.83 -5.50
CA LEU A 296 -25.58 -16.44 -5.46
C LEU A 296 -26.09 -16.38 -6.89
N LYS A 297 -27.20 -17.06 -7.16
N LYS A 297 -27.20 -17.07 -7.15
CA LYS A 297 -27.75 -17.14 -8.51
CA LYS A 297 -27.78 -17.13 -8.49
C LYS A 297 -28.73 -15.99 -8.74
C LYS A 297 -28.72 -15.96 -8.73
N ASN A 298 -28.71 -15.43 -9.96
CA ASN A 298 -29.60 -14.31 -10.33
C ASN A 298 -29.41 -13.08 -9.43
N TYR A 299 -28.18 -12.86 -8.97
CA TYR A 299 -27.84 -11.78 -8.02
C TYR A 299 -27.39 -10.57 -8.85
N THR A 300 -26.28 -10.70 -9.56
CA THR A 300 -25.87 -9.71 -10.56
C THR A 300 -25.29 -10.44 -11.77
N THR A 301 -24.93 -9.69 -12.80
CA THR A 301 -24.27 -10.28 -13.97
C THR A 301 -22.76 -10.17 -13.85
N PHE A 302 -22.28 -9.68 -12.71
CA PHE A 302 -20.86 -9.42 -12.49
C PHE A 302 -20.30 -10.51 -11.57
N ASN A 303 -19.51 -11.41 -12.15
CA ASN A 303 -19.14 -12.64 -11.45
C ASN A 303 -18.56 -12.41 -10.06
N SER A 304 -17.61 -11.48 -9.95
N SER A 304 -17.61 -11.48 -9.95
CA SER A 304 -16.95 -11.25 -8.67
CA SER A 304 -16.96 -11.20 -8.67
C SER A 304 -17.87 -10.70 -7.57
C SER A 304 -17.92 -10.77 -7.56
N GLU A 305 -19.02 -10.14 -7.95
CA GLU A 305 -20.01 -9.65 -6.98
C GLU A 305 -20.87 -10.79 -6.41
N ASN A 306 -20.85 -11.96 -7.06
CA ASN A 306 -21.85 -12.99 -6.80
C ASN A 306 -21.43 -14.05 -5.77
N TYR A 307 -20.33 -13.83 -5.07
CA TYR A 307 -19.83 -14.85 -4.14
C TYR A 307 -19.96 -14.46 -2.68
N VAL A 308 -20.28 -15.46 -1.85
CA VAL A 308 -20.25 -15.34 -0.40
C VAL A 308 -19.10 -16.21 0.09
N TYR A 309 -18.29 -15.66 1.00
CA TYR A 309 -17.08 -16.33 1.47
C TYR A 309 -17.28 -17.00 2.83
N ASN A 310 -16.68 -18.17 3.00
CA ASN A 310 -16.72 -18.90 4.27
C ASN A 310 -15.58 -18.41 5.19
N ILE A 311 -15.89 -18.14 6.44
CA ILE A 311 -14.89 -17.53 7.33
C ILE A 311 -13.83 -18.51 7.83
N ASN A 312 -13.96 -19.78 7.48
CA ASN A 312 -12.96 -20.78 7.85
C ASN A 312 -11.82 -20.95 6.84
N GLY A 313 -11.88 -20.18 5.76
CA GLY A 313 -10.80 -20.12 4.77
C GLY A 313 -10.27 -18.71 4.63
N ILE A 314 -9.59 -18.44 3.52
CA ILE A 314 -9.12 -17.09 3.22
C ILE A 314 -10.08 -16.39 2.27
N GLY A 315 -9.97 -15.07 2.24
CA GLY A 315 -10.83 -14.27 1.42
C GLY A 315 -10.14 -13.80 0.16
N PRO A 316 -10.87 -13.04 -0.66
CA PRO A 316 -10.34 -12.54 -1.92
C PRO A 316 -9.49 -11.29 -1.72
N THR A 317 -8.77 -10.90 -2.76
CA THR A 317 -8.04 -9.64 -2.75
C THR A 317 -8.97 -8.47 -2.46
N LEU A 318 -8.65 -7.68 -1.45
CA LEU A 318 -9.40 -6.47 -1.17
C LEU A 318 -9.04 -5.40 -2.21
N THR A 319 -10.02 -4.96 -2.96
CA THR A 319 -9.83 -3.86 -3.89
C THR A 319 -10.31 -2.54 -3.28
N ALA A 320 -9.89 -1.42 -3.87
CA ALA A 320 -10.31 -0.12 -3.38
C ALA A 320 -11.80 0.14 -3.60
N SER A 321 -12.31 -0.35 -4.73
N SER A 321 -12.33 -0.41 -4.70
CA SER A 321 -13.69 -0.11 -5.16
CA SER A 321 -13.67 -0.10 -5.14
C SER A 321 -14.38 -1.39 -5.59
C SER A 321 -14.35 -1.35 -5.68
N GLY A 322 -15.66 -1.27 -5.92
CA GLY A 322 -16.38 -2.36 -6.59
C GLY A 322 -16.54 -3.65 -5.81
N ALA A 323 -16.69 -4.76 -6.54
CA ALA A 323 -17.11 -6.04 -5.97
C ALA A 323 -16.16 -6.53 -4.87
N ASN A 324 -14.86 -6.44 -5.09
CA ASN A 324 -13.91 -6.93 -4.09
C ASN A 324 -13.60 -5.92 -2.99
N SER A 325 -14.32 -4.80 -2.96
CA SER A 325 -14.34 -3.92 -1.78
C SER A 325 -15.56 -4.21 -0.89
N ARG A 326 -16.45 -5.07 -1.41
CA ARG A 326 -17.72 -5.42 -0.78
C ARG A 326 -17.69 -6.92 -0.49
N ILE A 327 -16.91 -7.34 0.49
CA ILE A 327 -16.60 -8.77 0.67
C ILE A 327 -17.65 -9.36 1.61
N LYS A 328 -18.51 -10.21 1.05
CA LYS A 328 -19.60 -10.86 1.80
C LYS A 328 -19.08 -12.10 2.50
N ILE A 329 -19.32 -12.17 3.82
CA ILE A 329 -18.93 -13.31 4.62
C ILE A 329 -20.17 -13.89 5.31
N GLU A 330 -20.18 -15.22 5.44
CA GLU A 330 -21.27 -15.90 6.12
C GLU A 330 -20.93 -16.09 7.60
N THR A 331 -21.76 -15.53 8.47
CA THR A 331 -21.59 -15.70 9.91
C THR A 331 -22.86 -16.30 10.51
N GLN A 332 -22.78 -16.71 11.77
CA GLN A 332 -23.93 -17.23 12.52
C GLN A 332 -25.11 -16.25 12.45
N GLN A 333 -24.79 -14.97 12.50
CA GLN A 333 -25.77 -13.89 12.59
C GLN A 333 -26.34 -13.48 11.24
N GLY A 334 -25.73 -13.96 10.14
CA GLY A 334 -26.20 -13.68 8.79
C GLY A 334 -25.01 -13.36 7.89
N VAL A 335 -25.29 -12.98 6.65
CA VAL A 335 -24.26 -12.59 5.70
C VAL A 335 -24.10 -11.07 5.78
N ARG A 336 -22.87 -10.61 5.90
CA ARG A 336 -22.58 -9.18 5.94
C ARG A 336 -21.28 -8.89 5.23
N TYR A 337 -21.04 -7.61 4.97
CA TYR A 337 -19.76 -7.18 4.46
C TYR A 337 -18.70 -7.08 5.56
N LEU A 338 -17.45 -7.34 5.19
CA LEU A 338 -16.33 -6.97 6.04
C LEU A 338 -16.39 -5.47 6.26
N THR A 339 -16.27 -5.05 7.51
CA THR A 339 -16.40 -3.64 7.87
C THR A 339 -15.11 -2.88 7.56
N PRO A 340 -15.16 -1.53 7.60
CA PRO A 340 -13.92 -0.79 7.40
C PRO A 340 -12.81 -1.18 8.39
N LEU A 341 -13.15 -1.35 9.67
CA LEU A 341 -12.16 -1.80 10.66
C LEU A 341 -11.59 -3.15 10.25
N GLU A 342 -12.46 -4.09 9.89
CA GLU A 342 -12.00 -5.42 9.49
C GLU A 342 -11.14 -5.37 8.22
N CYS A 343 -11.46 -4.45 7.32
CA CYS A 343 -10.63 -4.23 6.12
C CYS A 343 -9.21 -3.72 6.48
N PHE A 344 -9.11 -2.81 7.45
CA PHE A 344 -7.80 -2.38 7.96
C PHE A 344 -7.04 -3.60 8.51
N LYS A 345 -7.73 -4.43 9.30
CA LYS A 345 -7.11 -5.64 9.87
C LYS A 345 -6.69 -6.64 8.79
N TYR A 346 -7.51 -6.72 7.74
CA TYR A 346 -7.29 -7.57 6.58
C TYR A 346 -6.01 -7.18 5.79
N MET A 347 -5.62 -5.92 5.88
CA MET A 347 -4.38 -5.41 5.31
C MET A 347 -3.24 -5.35 6.34
N GLN A 348 -3.50 -5.87 7.54
CA GLN A 348 -2.52 -6.02 8.61
C GLN A 348 -2.08 -4.70 9.25
N PHE A 349 -2.96 -3.70 9.18
CA PHE A 349 -2.90 -2.54 10.06
C PHE A 349 -3.55 -2.98 11.35
N ASP A 350 -3.35 -2.15 12.39
N ASP A 350 -3.37 -2.23 12.43
CA ASP A 350 -3.85 -2.42 13.75
CA ASP A 350 -4.00 -2.65 13.67
C ASP A 350 -5.21 -1.76 13.98
C ASP A 350 -5.17 -1.77 14.01
N VAL A 351 -5.94 -2.21 15.00
CA VAL A 351 -7.18 -1.54 15.39
C VAL A 351 -6.95 -0.07 15.72
N ASN A 352 -5.83 0.22 16.38
CA ASN A 352 -5.53 1.61 16.75
C ASN A 352 -5.25 2.51 15.55
N ASP A 353 -4.68 1.95 14.49
CA ASP A 353 -4.51 2.71 13.24
C ASP A 353 -5.89 3.08 12.70
N PHE A 354 -6.81 2.12 12.66
CA PHE A 354 -8.16 2.40 12.18
C PHE A 354 -8.85 3.46 13.04
N LYS A 355 -8.76 3.31 14.35
N LYS A 355 -8.76 3.31 14.35
CA LYS A 355 -9.40 4.26 15.26
CA LYS A 355 -9.40 4.26 15.26
C LYS A 355 -8.88 5.68 15.06
C LYS A 355 -8.89 5.68 15.07
N LYS A 356 -7.60 5.82 14.81
CA LYS A 356 -7.01 7.13 14.54
C LYS A 356 -7.61 7.78 13.28
N VAL A 357 -7.79 6.96 12.25
CA VAL A 357 -8.38 7.44 11.00
C VAL A 357 -9.85 7.81 11.22
N GLN A 358 -10.56 6.93 11.92
CA GLN A 358 -11.97 7.15 12.20
C GLN A 358 -12.16 8.42 13.02
N SER A 359 -11.26 8.63 13.98
CA SER A 359 -11.34 9.78 14.88
C SER A 359 -11.11 11.14 14.21
N THR A 360 -10.57 11.17 12.99
CA THR A 360 -10.45 12.44 12.27
C THR A 360 -11.83 13.01 11.92
N ASN A 361 -12.83 12.14 11.84
CA ASN A 361 -14.16 12.52 11.38
C ASN A 361 -14.15 13.16 9.99
N LEU A 362 -13.14 12.80 9.18
CA LEU A 362 -12.99 13.35 7.84
C LEU A 362 -13.09 12.31 6.73
N ILE A 363 -13.03 11.03 7.07
CA ILE A 363 -12.98 9.96 6.09
C ILE A 363 -14.21 9.05 6.20
N SER A 364 -15.00 8.98 5.13
CA SER A 364 -16.18 8.11 5.08
C SER A 364 -15.81 6.64 5.17
N GLU A 365 -16.79 5.81 5.50
CA GLU A 365 -16.57 4.36 5.53
C GLU A 365 -16.07 3.84 4.19
N ASN A 366 -16.71 4.24 3.10
CA ASN A 366 -16.26 3.77 1.78
C ASN A 366 -14.85 4.27 1.43
N LYS A 367 -14.52 5.51 1.82
CA LYS A 367 -13.17 6.04 1.59
C LYS A 367 -12.12 5.33 2.43
N MET A 368 -12.50 4.91 3.63
N MET A 368 -12.50 4.92 3.63
CA MET A 368 -11.57 4.14 4.45
CA MET A 368 -11.62 4.11 4.47
C MET A 368 -11.27 2.78 3.83
C MET A 368 -11.26 2.81 3.77
N ILE A 369 -12.27 2.14 3.23
CA ILE A 369 -12.02 0.89 2.51
C ILE A 369 -11.19 1.14 1.24
N TYR A 370 -11.46 2.26 0.57
CA TYR A 370 -10.72 2.62 -0.65
C TYR A 370 -9.22 2.72 -0.36
N ILE A 371 -8.87 3.45 0.69
CA ILE A 371 -7.46 3.59 1.07
C ILE A 371 -6.85 2.27 1.56
N ALA A 372 -7.63 1.46 2.27
CA ALA A 372 -7.15 0.13 2.67
C ALA A 372 -6.89 -0.77 1.45
N GLY A 373 -7.82 -0.75 0.50
CA GLY A 373 -7.71 -1.57 -0.72
C GLY A 373 -6.55 -1.19 -1.61
N ASN A 374 -6.13 0.08 -1.54
CA ASN A 374 -4.93 0.54 -2.23
C ASN A 374 -3.60 0.22 -1.54
N SER A 375 -3.65 -0.24 -0.30
N SER A 375 -3.66 -0.24 -0.29
N SER A 375 -3.66 -0.25 -0.30
CA SER A 375 -2.44 -0.44 0.50
CA SER A 375 -2.44 -0.44 0.51
CA SER A 375 -2.44 -0.46 0.50
C SER A 375 -1.79 -1.80 0.22
C SER A 375 -1.81 -1.81 0.25
C SER A 375 -1.78 -1.81 0.22
N ILE A 376 -0.80 -2.15 1.04
CA ILE A 376 -0.04 -3.39 0.91
C ILE A 376 -0.09 -4.12 2.25
N PRO A 377 -0.40 -5.42 2.25
CA PRO A 377 -0.44 -6.13 3.53
C PRO A 377 0.87 -5.99 4.29
N VAL A 378 0.79 -5.44 5.48
CA VAL A 378 1.96 -4.95 6.19
C VAL A 378 3.03 -6.05 6.43
N LYS A 379 2.60 -7.28 6.73
N LYS A 379 2.60 -7.28 6.73
CA LYS A 379 3.55 -8.35 7.04
CA LYS A 379 3.56 -8.35 7.04
C LYS A 379 4.37 -8.83 5.85
C LYS A 379 4.37 -8.84 5.84
N ILE A 380 3.87 -8.64 4.62
CA ILE A 380 4.70 -8.94 3.44
C ILE A 380 5.91 -8.00 3.46
N LEU A 381 5.64 -6.72 3.69
CA LEU A 381 6.70 -5.71 3.73
C LEU A 381 7.65 -5.94 4.90
N GLU A 382 7.12 -6.35 6.04
CA GLU A 382 7.98 -6.73 7.18
C GLU A 382 8.99 -7.81 6.78
N ALA A 383 8.51 -8.83 6.06
CA ALA A 383 9.38 -9.94 5.63
C ALA A 383 10.44 -9.46 4.66
N ILE A 384 10.07 -8.58 3.73
CA ILE A 384 11.03 -8.05 2.76
C ILE A 384 12.08 -7.20 3.49
N PHE A 385 11.61 -6.28 4.33
CA PHE A 385 12.51 -5.37 5.06
C PHE A 385 13.41 -6.08 6.07
N ASN A 386 12.95 -7.20 6.60
N ASN A 386 12.95 -7.20 6.62
CA ASN A 386 13.77 -8.02 7.50
CA ASN A 386 13.77 -8.03 7.49
C ASN A 386 15.05 -8.53 6.83
C ASN A 386 15.04 -8.57 6.83
N THR A 387 15.05 -8.62 5.50
CA THR A 387 16.23 -9.08 4.75
C THR A 387 17.29 -8.02 4.49
N LEU A 388 16.96 -6.74 4.71
CA LEU A 388 17.90 -5.66 4.42
C LEU A 388 19.08 -5.63 5.37
N GLU A 389 20.24 -5.25 4.84
CA GLU A 389 21.47 -5.15 5.58
C GLU A 389 22.00 -3.73 5.48
N PHE A 390 22.40 -3.16 6.62
CA PHE A 390 23.05 -1.85 6.66
C PHE A 390 24.38 -1.93 7.41
N VAL A 391 25.33 -1.09 7.00
CA VAL A 391 26.64 -1.04 7.65
C VAL A 391 26.59 -0.21 8.93
N ASN A 392 27.45 -0.57 9.88
CA ASN A 392 27.51 0.12 11.18
C ASN A 392 28.02 1.56 11.05
N ASN A 393 28.84 1.81 10.02
CA ASN A 393 29.25 3.16 9.65
C ASN A 393 28.05 3.96 9.15
#